data_6CEJ
#
_entry.id   6CEJ
#
_entity_poly.entity_id   1
_entity_poly.type   'polypeptide(L)'
_entity_poly.pdbx_seq_one_letter_code
;GRKRRQTSMTDFYH
;
_entity_poly.pdbx_strand_id   A
#
# COMPACT_ATOMS: atom_id res chain seq x y z
N GLY A 1 1.52 -10.12 6.29
CA GLY A 1 2.28 -8.87 6.49
C GLY A 1 2.22 -8.38 7.92
N ARG A 2 3.33 -7.82 8.40
CA ARG A 2 3.41 -7.37 9.79
C ARG A 2 3.57 -5.86 9.87
N LYS A 3 3.43 -5.18 8.74
CA LYS A 3 3.54 -3.73 8.71
C LYS A 3 2.55 -3.13 7.71
N ARG A 4 1.38 -3.77 7.62
CA ARG A 4 0.33 -3.28 6.74
C ARG A 4 -0.42 -2.14 7.41
N ARG A 5 -0.16 -0.92 6.94
CA ARG A 5 -0.74 0.27 7.53
C ARG A 5 -0.71 1.42 6.52
N GLN A 6 -1.88 1.99 6.25
CA GLN A 6 -2.02 3.08 5.29
C GLN A 6 -1.42 2.70 3.93
N THR A 7 -2.03 1.73 3.29
CA THR A 7 -1.55 1.26 2.00
C THR A 7 -2.13 2.10 0.88
N SER A 8 -1.44 3.17 0.56
CA SER A 8 -1.87 4.10 -0.48
C SER A 8 -1.52 3.54 -1.85
N MET A 9 -2.30 3.93 -2.86
CA MET A 9 -2.06 3.49 -4.23
C MET A 9 -1.03 4.38 -4.89
N THR A 10 0.24 4.15 -4.59
CA THR A 10 1.33 4.92 -5.18
C THR A 10 1.71 4.37 -6.55
N ASP A 11 0.93 3.41 -7.01
CA ASP A 11 1.09 2.84 -8.33
C ASP A 11 -0.24 2.30 -8.81
N PHE A 12 -0.70 2.78 -9.95
CA PHE A 12 -2.01 2.41 -10.47
C PHE A 12 -1.96 1.12 -11.27
N TYR A 13 -1.27 0.14 -10.71
CA TYR A 13 -1.19 -1.18 -11.32
C TYR A 13 -0.92 -2.22 -10.24
N HIS A 14 -1.25 -1.87 -9.00
CA HIS A 14 -1.03 -2.75 -7.86
C HIS A 14 -2.05 -2.46 -6.78
N GLY A 1 0.60 -7.21 15.25
CA GLY A 1 0.01 -5.85 15.23
C GLY A 1 0.12 -5.19 13.88
N ARG A 2 0.17 -3.87 13.87
CA ARG A 2 0.26 -3.10 12.63
C ARG A 2 1.69 -3.14 12.09
N LYS A 3 2.00 -4.18 11.33
CA LYS A 3 3.35 -4.38 10.84
C LYS A 3 3.44 -4.26 9.32
N ARG A 4 2.32 -3.95 8.68
CA ARG A 4 2.28 -3.84 7.23
C ARG A 4 1.10 -2.98 6.77
N ARG A 5 1.21 -2.44 5.57
CA ARG A 5 0.18 -1.59 5.00
C ARG A 5 0.31 -1.60 3.48
N GLN A 6 -0.57 -0.87 2.81
CA GLN A 6 -0.55 -0.83 1.36
C GLN A 6 -1.07 0.51 0.85
N THR A 7 -0.21 1.23 0.17
CA THR A 7 -0.52 2.55 -0.34
C THR A 7 -1.23 2.44 -1.68
N SER A 8 -2.33 3.16 -1.81
CA SER A 8 -3.19 3.07 -2.98
C SER A 8 -2.56 3.78 -4.17
N MET A 9 -1.86 4.88 -3.90
CA MET A 9 -1.16 5.61 -4.96
C MET A 9 0.26 5.09 -5.13
N THR A 10 0.40 3.77 -5.08
CA THR A 10 1.71 3.13 -5.20
C THR A 10 1.54 1.71 -5.74
N ASP A 11 0.71 0.92 -5.08
CA ASP A 11 0.38 -0.41 -5.56
C ASP A 11 -0.70 -0.32 -6.63
N PHE A 12 -1.80 0.34 -6.28
CA PHE A 12 -2.86 0.60 -7.23
C PHE A 12 -2.54 1.84 -8.04
N TYR A 13 -3.34 2.08 -9.08
CA TYR A 13 -3.17 3.23 -9.96
C TYR A 13 -1.81 3.22 -10.64
N HIS A 14 -1.51 4.27 -11.37
CA HIS A 14 -0.21 4.46 -12.00
C HIS A 14 0.06 5.95 -12.12
N GLY A 1 5.61 -4.81 13.72
CA GLY A 1 6.05 -5.57 12.52
C GLY A 1 5.29 -5.16 11.28
N ARG A 2 5.71 -4.06 10.67
CA ARG A 2 5.03 -3.49 9.50
C ARG A 2 3.56 -3.24 9.79
N LYS A 3 3.30 -2.42 10.79
CA LYS A 3 1.94 -2.04 11.14
C LYS A 3 1.41 -1.06 10.09
N ARG A 4 0.70 -1.59 9.11
CA ARG A 4 0.13 -0.79 8.05
C ARG A 4 -1.00 -1.53 7.37
N ARG A 5 -2.05 -0.80 7.01
CA ARG A 5 -3.24 -1.39 6.39
C ARG A 5 -3.03 -1.63 4.89
N GLN A 6 -2.00 -2.40 4.56
CA GLN A 6 -1.66 -2.71 3.17
C GLN A 6 -1.51 -1.43 2.36
N THR A 7 -0.54 -0.61 2.76
CA THR A 7 -0.33 0.68 2.12
C THR A 7 0.55 0.55 0.89
N SER A 8 0.06 -0.22 -0.07
CA SER A 8 0.78 -0.42 -1.32
C SER A 8 0.62 0.77 -2.24
N MET A 9 1.73 1.25 -2.76
CA MET A 9 1.72 2.39 -3.66
C MET A 9 1.40 1.92 -5.07
N THR A 10 0.16 1.49 -5.26
CA THR A 10 -0.28 0.94 -6.53
C THR A 10 -1.77 1.24 -6.74
N ASP A 11 -2.08 2.52 -6.76
CA ASP A 11 -3.45 2.99 -6.95
C ASP A 11 -3.44 4.29 -7.72
N PHE A 12 -2.37 4.48 -8.47
CA PHE A 12 -2.18 5.66 -9.29
C PHE A 12 -1.26 5.30 -10.45
N TYR A 13 -1.15 4.00 -10.68
CA TYR A 13 -0.22 3.45 -11.65
C TYR A 13 -0.67 2.05 -12.05
N HIS A 14 -0.29 1.60 -13.23
CA HIS A 14 -0.68 0.29 -13.71
C HIS A 14 0.41 -0.29 -14.61
N GLY A 1 8.20 -2.54 8.57
CA GLY A 1 7.94 -3.18 9.88
C GLY A 1 6.52 -3.67 10.00
N ARG A 2 5.93 -3.47 11.18
CA ARG A 2 4.56 -3.89 11.44
C ARG A 2 3.58 -3.01 10.66
N LYS A 3 3.00 -3.57 9.61
CA LYS A 3 2.03 -2.84 8.81
C LYS A 3 0.61 -3.11 9.27
N ARG A 4 -0.12 -2.03 9.51
CA ARG A 4 -1.52 -2.12 9.91
C ARG A 4 -2.39 -2.40 8.69
N ARG A 5 -1.88 -2.03 7.53
CA ARG A 5 -2.58 -2.23 6.27
C ARG A 5 -1.58 -2.21 5.12
N GLN A 6 -1.96 -2.75 3.99
CA GLN A 6 -1.11 -2.73 2.82
C GLN A 6 -1.22 -1.39 2.12
N THR A 7 -0.20 -0.57 2.27
CA THR A 7 -0.18 0.75 1.67
C THR A 7 0.27 0.64 0.22
N SER A 8 -0.57 1.13 -0.70
CA SER A 8 -0.28 1.07 -2.12
C SER A 8 -0.99 2.21 -2.86
N MET A 9 -0.98 3.39 -2.27
CA MET A 9 -1.66 4.54 -2.85
C MET A 9 -0.75 5.25 -3.84
N THR A 10 0.53 4.93 -3.77
CA THR A 10 1.51 5.44 -4.70
C THR A 10 1.51 4.62 -5.97
N ASP A 11 1.07 3.37 -5.85
CA ASP A 11 1.07 2.44 -6.98
C ASP A 11 -0.18 2.60 -7.82
N PHE A 12 -0.11 3.47 -8.81
CA PHE A 12 -1.23 3.70 -9.72
C PHE A 12 -1.22 2.67 -10.85
N TYR A 13 -1.40 1.42 -10.48
CA TYR A 13 -1.41 0.33 -11.46
C TYR A 13 -2.76 0.25 -12.15
N HIS A 14 -2.74 -0.03 -13.43
CA HIS A 14 -3.96 -0.12 -14.22
C HIS A 14 -4.52 -1.55 -14.17
N GLY A 1 -1.28 -6.62 11.80
CA GLY A 1 -0.17 -7.55 11.49
C GLY A 1 1.18 -6.94 11.84
N ARG A 2 2.25 -7.64 11.47
CA ARG A 2 3.60 -7.16 11.73
C ARG A 2 3.86 -5.90 10.92
N LYS A 3 3.48 -5.92 9.66
CA LYS A 3 3.63 -4.76 8.80
C LYS A 3 2.28 -4.09 8.59
N ARG A 4 2.22 -2.79 8.82
CA ARG A 4 1.00 -2.04 8.64
C ARG A 4 0.76 -1.77 7.16
N ARG A 5 -0.51 -1.79 6.76
CA ARG A 5 -0.89 -1.55 5.38
C ARG A 5 -0.79 -0.07 5.04
N GLN A 6 -0.08 0.24 3.97
CA GLN A 6 0.02 1.62 3.51
C GLN A 6 -1.22 2.00 2.73
N THR A 7 -1.79 3.14 3.07
CA THR A 7 -2.99 3.62 2.41
C THR A 7 -2.60 4.33 1.11
N SER A 8 -1.95 3.58 0.23
CA SER A 8 -1.47 4.12 -1.04
C SER A 8 -1.28 3.00 -2.06
N MET A 9 -1.99 3.11 -3.17
CA MET A 9 -1.78 2.20 -4.29
C MET A 9 -1.13 2.99 -5.44
N THR A 10 -0.06 3.67 -5.12
CA THR A 10 0.61 4.56 -6.05
C THR A 10 1.43 3.77 -7.06
N ASP A 11 1.85 2.57 -6.65
CA ASP A 11 2.59 1.68 -7.54
C ASP A 11 1.64 0.96 -8.48
N PHE A 12 0.46 0.67 -7.96
CA PHE A 12 -0.57 -0.03 -8.73
C PHE A 12 -1.42 0.96 -9.51
N TYR A 13 -0.98 1.28 -10.72
CA TYR A 13 -1.73 2.17 -11.58
C TYR A 13 -2.87 1.44 -12.27
N HIS A 14 -4.10 1.89 -12.01
CA HIS A 14 -5.30 1.32 -12.61
C HIS A 14 -5.47 -0.14 -12.16
N GLY A 1 -1.38 -2.30 2.56
CA GLY A 1 -0.90 -3.32 3.51
C GLY A 1 -1.87 -3.52 4.66
N ARG A 2 -1.58 -4.48 5.53
CA ARG A 2 -2.43 -4.71 6.69
C ARG A 2 -1.90 -3.95 7.89
N LYS A 3 -0.58 -3.92 8.03
CA LYS A 3 0.07 -3.15 9.08
C LYS A 3 1.54 -2.91 8.75
N ARG A 4 2.16 -3.84 8.03
CA ARG A 4 3.57 -3.74 7.69
C ARG A 4 3.80 -2.71 6.59
N ARG A 5 3.36 -3.02 5.38
CA ARG A 5 3.53 -2.12 4.25
C ARG A 5 2.48 -1.02 4.30
N GLN A 6 2.85 0.16 3.82
CA GLN A 6 1.95 1.30 3.82
C GLN A 6 0.93 1.17 2.68
N THR A 7 -0.33 1.36 3.00
CA THR A 7 -1.42 1.17 2.06
C THR A 7 -1.62 2.42 1.20
N SER A 8 -0.61 2.74 0.40
CA SER A 8 -0.70 3.82 -0.55
C SER A 8 -1.42 3.33 -1.81
N MET A 9 -2.71 3.59 -1.89
CA MET A 9 -3.53 3.11 -3.00
C MET A 9 -3.34 3.99 -4.24
N THR A 10 -2.09 4.10 -4.67
CA THR A 10 -1.75 4.88 -5.85
C THR A 10 -0.45 4.38 -6.44
N ASP A 11 0.45 3.90 -5.59
CA ASP A 11 1.69 3.29 -6.04
C ASP A 11 1.43 1.85 -6.44
N PHE A 12 1.73 1.54 -7.70
CA PHE A 12 1.50 0.19 -8.24
C PHE A 12 0.03 -0.19 -8.16
N TYR A 13 -0.85 0.79 -8.31
CA TYR A 13 -2.28 0.52 -8.26
C TYR A 13 -2.77 0.02 -9.61
N HIS A 14 -3.15 -1.24 -9.65
CA HIS A 14 -3.61 -1.88 -10.87
C HIS A 14 -4.59 -2.99 -10.53
N GLY A 1 3.18 -9.59 16.93
CA GLY A 1 3.08 -8.13 17.16
C GLY A 1 3.73 -7.33 16.04
N ARG A 2 2.99 -7.15 14.95
CA ARG A 2 3.47 -6.38 13.82
C ARG A 2 2.30 -5.75 13.08
N LYS A 3 2.02 -4.50 13.40
CA LYS A 3 0.97 -3.76 12.73
C LYS A 3 1.57 -2.89 11.64
N ARG A 4 1.44 -3.32 10.40
CA ARG A 4 1.95 -2.57 9.26
C ARG A 4 1.23 -2.98 7.99
N ARG A 5 0.75 -1.99 7.25
CA ARG A 5 0.13 -2.20 5.96
C ARG A 5 0.13 -0.88 5.19
N GLN A 6 0.57 -0.95 3.94
CA GLN A 6 0.68 0.24 3.11
C GLN A 6 -0.65 0.60 2.48
N THR A 7 -0.71 1.78 1.89
CA THR A 7 -1.90 2.26 1.21
C THR A 7 -1.49 3.19 0.07
N SER A 8 -0.39 2.83 -0.59
CA SER A 8 0.12 3.61 -1.70
C SER A 8 -0.62 3.28 -2.98
N MET A 9 -0.80 4.28 -3.83
CA MET A 9 -1.54 4.11 -5.07
C MET A 9 -0.60 3.76 -6.22
N THR A 10 0.25 2.78 -6.00
CA THR A 10 1.16 2.31 -7.03
C THR A 10 0.44 1.29 -7.92
N ASP A 11 -0.65 0.75 -7.41
CA ASP A 11 -1.48 -0.18 -8.17
C ASP A 11 -2.46 0.59 -9.05
N PHE A 12 -2.30 1.90 -9.08
CA PHE A 12 -3.16 2.74 -9.89
C PHE A 12 -2.67 2.73 -11.33
N TYR A 13 -1.38 2.97 -11.52
CA TYR A 13 -0.74 2.97 -12.83
C TYR A 13 -1.19 4.17 -13.67
N HIS A 14 -0.24 4.75 -14.40
CA HIS A 14 -0.53 5.89 -15.25
C HIS A 14 -1.05 5.41 -16.60
N GLY A 1 3.51 -7.40 3.51
CA GLY A 1 3.18 -8.60 4.31
C GLY A 1 1.85 -8.45 5.03
N ARG A 2 1.91 -8.44 6.36
CA ARG A 2 0.71 -8.32 7.18
C ARG A 2 0.23 -6.88 7.22
N LYS A 3 1.15 -5.94 7.10
CA LYS A 3 0.82 -4.53 7.17
C LYS A 3 0.92 -3.87 5.81
N ARG A 4 -0.21 -3.37 5.31
CA ARG A 4 -0.21 -2.65 4.05
C ARG A 4 0.33 -1.24 4.28
N ARG A 5 1.66 -1.14 4.30
CA ARG A 5 2.34 0.12 4.55
C ARG A 5 2.40 0.96 3.29
N GLN A 6 2.66 2.26 3.47
CA GLN A 6 2.85 3.19 2.37
C GLN A 6 1.57 3.38 1.57
N THR A 7 0.44 3.38 2.26
CA THR A 7 -0.86 3.56 1.62
C THR A 7 -1.19 5.04 1.44
N SER A 8 -1.52 5.42 0.21
CA SER A 8 -1.83 6.80 -0.12
C SER A 8 -2.59 6.91 -1.43
N MET A 9 -3.46 5.93 -1.68
CA MET A 9 -4.25 5.85 -2.93
C MET A 9 -3.35 5.48 -4.12
N THR A 10 -2.06 5.47 -3.89
CA THR A 10 -1.09 5.09 -4.90
C THR A 10 -0.78 3.59 -4.78
N ASP A 11 -1.64 2.90 -4.05
CA ASP A 11 -1.43 1.49 -3.75
C ASP A 11 -1.79 0.62 -4.93
N PHE A 12 -0.77 0.04 -5.54
CA PHE A 12 -0.94 -0.82 -6.70
C PHE A 12 0.22 -1.79 -6.78
N TYR A 13 0.14 -2.87 -6.02
CA TYR A 13 1.22 -3.84 -5.96
C TYR A 13 1.13 -4.83 -7.12
N HIS A 14 1.70 -4.42 -8.25
CA HIS A 14 1.71 -5.26 -9.44
C HIS A 14 2.93 -4.90 -10.29
N GLY A 1 3.86 3.00 10.17
CA GLY A 1 2.55 2.47 10.61
C GLY A 1 2.66 1.08 11.19
N ARG A 2 1.52 0.50 11.54
CA ARG A 2 1.49 -0.85 12.10
C ARG A 2 0.77 -1.81 11.16
N LYS A 3 0.42 -1.32 9.98
CA LYS A 3 -0.27 -2.12 8.98
C LYS A 3 0.73 -2.98 8.21
N ARG A 4 0.61 -4.29 8.35
CA ARG A 4 1.47 -5.22 7.63
C ARG A 4 1.04 -5.32 6.17
N ARG A 5 -0.21 -4.95 5.92
CA ARG A 5 -0.73 -4.90 4.56
C ARG A 5 -0.22 -3.65 3.87
N GLN A 6 0.66 -3.85 2.91
CA GLN A 6 1.32 -2.73 2.24
C GLN A 6 0.41 -2.10 1.19
N THR A 7 -0.32 -1.08 1.61
CA THR A 7 -1.08 -0.27 0.68
C THR A 7 -0.17 0.84 0.16
N SER A 8 0.16 0.78 -1.11
CA SER A 8 1.07 1.74 -1.71
C SER A 8 0.34 3.05 -1.98
N MET A 9 1.05 4.16 -1.89
CA MET A 9 0.45 5.47 -2.11
C MET A 9 0.53 5.87 -3.57
N THR A 10 0.69 4.87 -4.42
CA THR A 10 0.68 5.07 -5.86
C THR A 10 -0.75 5.05 -6.39
N ASP A 11 -1.64 4.41 -5.62
CA ASP A 11 -3.07 4.32 -5.94
C ASP A 11 -3.30 3.52 -7.21
N PHE A 12 -3.21 2.20 -7.07
CA PHE A 12 -3.49 1.27 -8.17
C PHE A 12 -2.50 1.45 -9.32
N TYR A 13 -2.76 0.77 -10.43
CA TYR A 13 -1.90 0.79 -11.61
C TYR A 13 -0.53 0.21 -11.26
N HIS A 14 -0.48 -1.12 -11.23
CA HIS A 14 0.73 -1.85 -10.85
C HIS A 14 1.15 -1.48 -9.43
N GLY A 1 3.06 -10.25 5.14
CA GLY A 1 2.75 -9.71 6.49
C GLY A 1 1.98 -8.42 6.43
N ARG A 2 1.37 -8.04 7.54
CA ARG A 2 0.59 -6.82 7.62
C ARG A 2 1.48 -5.63 7.92
N LYS A 3 1.58 -4.71 6.98
CA LYS A 3 2.31 -3.47 7.20
C LYS A 3 1.40 -2.44 7.84
N ARG A 4 0.10 -2.59 7.59
CA ARG A 4 -0.95 -1.70 8.11
C ARG A 4 -0.86 -0.33 7.46
N ARG A 5 0.17 0.43 7.82
CA ARG A 5 0.41 1.72 7.21
C ARG A 5 1.13 1.55 5.88
N GLN A 6 1.35 2.65 5.18
CA GLN A 6 2.08 2.63 3.91
C GLN A 6 1.40 1.72 2.90
N THR A 7 0.13 1.98 2.65
CA THR A 7 -0.63 1.19 1.71
C THR A 7 -0.42 1.70 0.29
N SER A 8 -0.39 0.79 -0.67
CA SER A 8 -0.12 1.14 -2.06
C SER A 8 -1.38 1.71 -2.74
N MET A 9 -2.03 2.65 -2.08
CA MET A 9 -3.20 3.32 -2.65
C MET A 9 -2.76 4.54 -3.43
N THR A 10 -1.45 4.80 -3.42
CA THR A 10 -0.87 5.89 -4.17
C THR A 10 -0.66 5.47 -5.62
N ASP A 11 -0.48 4.17 -5.83
CA ASP A 11 -0.34 3.59 -7.16
C ASP A 11 -0.88 2.17 -7.16
N PHE A 12 -2.06 2.00 -7.72
CA PHE A 12 -2.71 0.70 -7.76
C PHE A 12 -2.15 -0.14 -8.91
N TYR A 13 -1.40 0.51 -9.79
CA TYR A 13 -0.74 -0.19 -10.88
C TYR A 13 0.52 -0.87 -10.38
N HIS A 14 0.71 -2.11 -10.77
CA HIS A 14 1.88 -2.87 -10.35
C HIS A 14 2.99 -2.72 -11.38
N GLY A 1 -2.77 0.51 7.92
CA GLY A 1 -1.62 -0.01 8.69
C GLY A 1 -1.85 -1.43 9.15
N ARG A 2 -1.01 -1.89 10.07
CA ARG A 2 -1.08 -3.25 10.61
C ARG A 2 -0.73 -4.28 9.55
N LYS A 3 0.48 -4.84 9.65
CA LYS A 3 0.99 -5.80 8.68
C LYS A 3 1.23 -5.13 7.33
N ARG A 4 2.50 -4.84 7.03
CA ARG A 4 2.89 -4.19 5.78
C ARG A 4 2.50 -2.71 5.78
N ARG A 5 3.41 -1.86 5.34
CA ARG A 5 3.12 -0.44 5.22
C ARG A 5 2.37 -0.15 3.93
N GLN A 6 1.20 0.45 4.05
CA GLN A 6 0.40 0.80 2.88
C GLN A 6 0.88 2.11 2.28
N THR A 7 2.05 2.07 1.67
CA THR A 7 2.62 3.25 1.05
C THR A 7 2.03 3.44 -0.35
N SER A 8 0.91 4.16 -0.41
CA SER A 8 0.21 4.42 -1.66
C SER A 8 -0.30 3.13 -2.29
N MET A 9 -0.89 2.28 -1.48
CA MET A 9 -1.40 1.00 -1.95
C MET A 9 -2.88 1.12 -2.32
N THR A 10 -3.19 2.15 -3.10
CA THR A 10 -4.57 2.43 -3.48
C THR A 10 -4.62 2.99 -4.90
N ASP A 11 -3.70 2.53 -5.73
CA ASP A 11 -3.61 2.93 -7.12
C ASP A 11 -2.91 1.86 -7.93
N PHE A 12 -3.17 1.82 -9.23
CA PHE A 12 -2.58 0.82 -10.10
C PHE A 12 -1.17 1.22 -10.52
N TYR A 13 -0.32 1.41 -9.53
CA TYR A 13 1.07 1.76 -9.77
C TYR A 13 1.90 1.30 -8.57
N HIS A 14 1.35 0.38 -7.80
CA HIS A 14 1.98 -0.11 -6.58
C HIS A 14 1.56 -1.55 -6.32
N GLY A 1 7.97 -6.50 15.47
CA GLY A 1 6.52 -6.31 15.22
C GLY A 1 6.24 -6.09 13.75
N ARG A 2 4.96 -6.12 13.38
CA ARG A 2 4.57 -5.90 12.01
C ARG A 2 3.28 -5.10 11.96
N LYS A 3 3.15 -4.26 10.95
CA LYS A 3 1.96 -3.46 10.74
C LYS A 3 1.66 -3.37 9.25
N ARG A 4 0.40 -3.61 8.88
CA ARG A 4 0.00 -3.56 7.49
C ARG A 4 -0.24 -2.13 7.04
N ARG A 5 0.32 -1.78 5.89
CA ARG A 5 0.13 -0.45 5.33
C ARG A 5 -1.19 -0.40 4.58
N GLN A 6 -2.04 0.56 4.93
CA GLN A 6 -3.33 0.67 4.28
C GLN A 6 -3.18 1.33 2.92
N THR A 7 -3.90 0.79 1.93
CA THR A 7 -3.80 1.21 0.53
C THR A 7 -2.37 1.09 0.00
N SER A 8 -2.18 1.45 -1.27
CA SER A 8 -0.87 1.39 -1.88
C SER A 8 -0.79 2.33 -3.07
N MET A 9 -0.66 3.63 -2.77
CA MET A 9 -0.64 4.66 -3.81
C MET A 9 0.71 4.69 -4.55
N THR A 10 1.49 3.64 -4.36
CA THR A 10 2.72 3.48 -5.11
C THR A 10 2.40 2.86 -6.47
N ASP A 11 1.38 2.00 -6.47
CA ASP A 11 0.82 1.48 -7.70
C ASP A 11 -0.26 2.43 -8.18
N PHE A 12 -0.04 3.06 -9.32
CA PHE A 12 -0.98 4.03 -9.85
C PHE A 12 -2.05 3.34 -10.70
N TYR A 13 -2.51 2.20 -10.20
CA TYR A 13 -3.55 1.40 -10.84
C TYR A 13 -3.10 0.93 -12.22
N HIS A 14 -2.36 -0.16 -12.24
CA HIS A 14 -1.91 -0.74 -13.49
C HIS A 14 -2.94 -1.74 -14.02
N GLY A 1 1.08 3.03 11.39
CA GLY A 1 1.44 3.26 9.97
C GLY A 1 1.18 2.05 9.11
N ARG A 2 2.08 1.07 9.17
CA ARG A 2 1.94 -0.16 8.40
C ARG A 2 2.28 -1.36 9.26
N LYS A 3 1.25 -2.07 9.70
CA LYS A 3 1.43 -3.22 10.57
C LYS A 3 1.39 -4.53 9.77
N ARG A 4 0.73 -4.51 8.63
CA ARG A 4 0.56 -5.71 7.82
C ARG A 4 0.21 -5.36 6.38
N ARG A 5 -0.85 -4.58 6.21
CA ARG A 5 -1.32 -4.19 4.89
C ARG A 5 -0.39 -3.15 4.29
N GLN A 6 -0.04 -3.36 3.03
CA GLN A 6 0.80 -2.41 2.32
C GLN A 6 -0.02 -1.22 1.87
N THR A 7 0.42 -0.02 2.21
CA THR A 7 -0.32 1.18 1.88
C THR A 7 -0.08 1.57 0.42
N SER A 8 -1.17 1.71 -0.32
CA SER A 8 -1.08 1.97 -1.74
C SER A 8 -0.81 3.45 -2.01
N MET A 9 0.47 3.81 -1.99
CA MET A 9 0.88 5.15 -2.34
C MET A 9 0.98 5.30 -3.86
N THR A 10 -0.17 5.53 -4.50
CA THR A 10 -0.26 5.61 -5.96
C THR A 10 0.07 4.24 -6.56
N ASP A 11 -0.33 3.20 -5.84
CA ASP A 11 -0.06 1.82 -6.25
C ASP A 11 -1.27 1.22 -6.96
N PHE A 12 -2.23 2.06 -7.31
CA PHE A 12 -3.49 1.58 -7.88
C PHE A 12 -3.33 1.24 -9.35
N TYR A 13 -2.83 2.19 -10.13
CA TYR A 13 -2.71 2.02 -11.57
C TYR A 13 -1.48 1.19 -11.93
N HIS A 14 -0.36 1.52 -11.32
CA HIS A 14 0.89 0.84 -11.60
C HIS A 14 1.77 0.83 -10.36
N GLY A 1 3.79 -9.92 11.79
CA GLY A 1 4.06 -8.55 12.25
C GLY A 1 4.27 -7.59 11.10
N ARG A 2 3.71 -7.90 9.95
CA ARG A 2 3.81 -7.04 8.78
C ARG A 2 2.76 -5.93 8.89
N LYS A 3 3.00 -4.82 8.20
CA LYS A 3 2.05 -3.73 8.15
C LYS A 3 2.12 -2.98 6.84
N ARG A 4 0.95 -2.74 6.26
CA ARG A 4 0.80 -2.00 5.02
C ARG A 4 -0.57 -1.35 5.01
N ARG A 5 -0.89 -0.72 6.13
CA ARG A 5 -2.22 -0.19 6.38
C ARG A 5 -2.45 1.10 5.59
N GLN A 6 -3.05 0.94 4.42
CA GLN A 6 -3.38 2.06 3.53
C GLN A 6 -2.12 2.84 3.16
N THR A 7 -0.99 2.15 3.16
CA THR A 7 0.29 2.77 2.85
C THR A 7 0.55 2.73 1.36
N SER A 8 0.84 3.90 0.79
CA SER A 8 1.11 4.02 -0.65
C SER A 8 -0.15 3.70 -1.45
N MET A 9 -1.08 4.65 -1.48
CA MET A 9 -2.36 4.47 -2.18
C MET A 9 -2.19 4.67 -3.69
N THR A 10 -1.15 4.06 -4.24
CA THR A 10 -0.85 4.14 -5.65
C THR A 10 -0.03 2.92 -6.05
N ASP A 11 -0.24 1.83 -5.33
CA ASP A 11 0.54 0.61 -5.51
C ASP A 11 0.04 -0.15 -6.73
N PHE A 12 -1.26 -0.09 -6.97
CA PHE A 12 -1.85 -0.73 -8.13
C PHE A 12 -1.64 0.13 -9.37
N TYR A 13 -0.43 0.12 -9.89
CA TYR A 13 -0.09 0.89 -11.06
C TYR A 13 -0.53 0.16 -12.32
N HIS A 14 -1.65 0.61 -12.88
CA HIS A 14 -2.20 -0.01 -14.08
C HIS A 14 -1.60 0.61 -15.32
N GLY A 1 1.54 -9.43 11.82
CA GLY A 1 1.94 -9.00 10.45
C GLY A 1 1.14 -7.82 9.96
N ARG A 2 1.69 -6.63 10.09
CA ARG A 2 1.02 -5.42 9.65
C ARG A 2 1.32 -5.14 8.18
N LYS A 3 0.38 -5.49 7.32
CA LYS A 3 0.54 -5.27 5.89
C LYS A 3 0.28 -3.80 5.56
N ARG A 4 -0.45 -3.13 6.43
CA ARG A 4 -0.68 -1.70 6.29
C ARG A 4 0.55 -0.94 6.78
N ARG A 5 1.32 -0.44 5.84
CA ARG A 5 2.53 0.31 6.16
C ARG A 5 2.88 1.20 4.98
N GLN A 6 2.65 2.51 5.13
CA GLN A 6 2.83 3.47 4.05
C GLN A 6 1.91 3.11 2.89
N THR A 7 0.66 2.85 3.22
CA THR A 7 -0.33 2.43 2.24
C THR A 7 -0.95 3.61 1.52
N SER A 8 -1.20 3.43 0.24
CA SER A 8 -1.74 4.47 -0.61
C SER A 8 -2.39 3.82 -1.82
N MET A 9 -3.05 4.61 -2.67
CA MET A 9 -3.69 4.08 -3.86
C MET A 9 -2.66 3.83 -4.97
N THR A 10 -1.41 3.73 -4.55
CA THR A 10 -0.29 3.44 -5.44
C THR A 10 -0.15 1.92 -5.62
N ASP A 11 -1.01 1.18 -4.94
CA ASP A 11 -0.90 -0.27 -4.89
C ASP A 11 -1.46 -0.93 -6.15
N PHE A 12 -2.08 -0.15 -7.02
CA PHE A 12 -2.66 -0.70 -8.24
C PHE A 12 -1.60 -0.84 -9.34
N TYR A 13 -1.04 0.29 -9.76
CA TYR A 13 0.00 0.29 -10.77
C TYR A 13 0.81 1.58 -10.73
N HIS A 14 0.12 2.70 -10.77
CA HIS A 14 0.78 4.01 -10.73
C HIS A 14 1.01 4.46 -9.29
N GLY A 1 -2.13 3.28 8.22
CA GLY A 1 -1.18 2.17 8.52
C GLY A 1 0.00 2.18 7.59
N ARG A 2 1.12 1.63 8.04
CA ARG A 2 2.33 1.58 7.23
C ARG A 2 2.59 0.17 6.74
N LYS A 3 2.71 -0.76 7.68
CA LYS A 3 2.99 -2.16 7.34
C LYS A 3 2.08 -3.11 8.11
N ARG A 4 1.02 -2.57 8.72
CA ARG A 4 0.04 -3.41 9.41
C ARG A 4 -0.89 -4.05 8.40
N ARG A 5 -0.91 -3.50 7.21
CA ARG A 5 -1.71 -4.00 6.10
C ARG A 5 -1.01 -3.66 4.79
N GLN A 6 0.30 -3.41 4.91
CA GLN A 6 1.14 -2.94 3.81
C GLN A 6 0.75 -1.52 3.39
N THR A 7 1.62 -0.87 2.64
CA THR A 7 1.38 0.48 2.18
C THR A 7 0.59 0.47 0.87
N SER A 8 -0.66 0.92 0.93
CA SER A 8 -1.54 0.88 -0.23
C SER A 8 -1.26 2.04 -1.19
N MET A 9 -0.29 2.87 -0.84
CA MET A 9 0.11 3.99 -1.67
C MET A 9 0.99 3.51 -2.83
N THR A 10 0.42 2.70 -3.69
CA THR A 10 1.13 2.18 -4.85
C THR A 10 0.15 1.73 -5.93
N ASP A 11 -1.04 1.29 -5.50
CA ASP A 11 -2.04 0.79 -6.44
C ASP A 11 -2.78 1.94 -7.09
N PHE A 12 -2.17 2.48 -8.14
CA PHE A 12 -2.74 3.58 -8.90
C PHE A 12 -2.09 3.62 -10.28
N TYR A 13 -0.81 3.31 -10.31
CA TYR A 13 -0.04 3.35 -11.55
C TYR A 13 -0.28 2.07 -12.34
N HIS A 14 -1.36 2.05 -13.10
CA HIS A 14 -1.71 0.88 -13.89
C HIS A 14 -1.02 0.94 -15.25
N GLY A 1 4.31 -9.23 9.30
CA GLY A 1 4.22 -8.27 10.42
C GLY A 1 2.80 -7.84 10.69
N ARG A 2 2.64 -6.76 11.44
CA ARG A 2 1.31 -6.23 11.75
C ARG A 2 1.08 -4.92 11.01
N LYS A 3 2.13 -4.41 10.40
CA LYS A 3 2.06 -3.14 9.69
C LYS A 3 2.03 -3.35 8.18
N ARG A 4 1.18 -2.59 7.51
CA ARG A 4 1.07 -2.64 6.06
C ARG A 4 0.42 -1.36 5.55
N ARG A 5 1.24 -0.44 5.07
CA ARG A 5 0.76 0.84 4.60
C ARG A 5 0.17 0.72 3.20
N GLN A 6 -1.12 0.99 3.09
CA GLN A 6 -1.79 1.02 1.80
C GLN A 6 -1.58 2.38 1.13
N THR A 7 -0.43 2.98 1.40
CA THR A 7 -0.10 4.29 0.87
C THR A 7 0.51 4.16 -0.52
N SER A 8 -0.29 4.49 -1.53
CA SER A 8 0.11 4.46 -2.94
C SER A 8 0.25 3.02 -3.46
N MET A 9 0.59 2.08 -2.57
CA MET A 9 0.80 0.69 -2.96
C MET A 9 -0.51 -0.08 -2.98
N THR A 10 -1.58 0.56 -3.41
CA THR A 10 -2.88 -0.09 -3.55
C THR A 10 -3.72 0.64 -4.61
N ASP A 11 -3.66 1.97 -4.59
CA ASP A 11 -4.37 2.78 -5.56
C ASP A 11 -3.59 2.86 -6.87
N PHE A 12 -2.42 3.47 -6.80
CA PHE A 12 -1.59 3.67 -7.97
C PHE A 12 -0.73 2.44 -8.23
N TYR A 13 -1.05 1.69 -9.27
CA TYR A 13 -0.27 0.52 -9.64
C TYR A 13 0.96 0.93 -10.43
N HIS A 14 2.02 0.17 -10.25
CA HIS A 14 3.31 0.46 -10.87
C HIS A 14 3.86 1.80 -10.37
N GLY A 1 7.75 -2.12 8.29
CA GLY A 1 6.99 -3.39 8.34
C GLY A 1 5.50 -3.14 8.23
N ARG A 2 4.71 -4.09 8.71
CA ARG A 2 3.25 -3.98 8.71
C ARG A 2 2.75 -3.81 7.27
N LYS A 3 3.27 -4.63 6.38
CA LYS A 3 2.90 -4.59 4.98
C LYS A 3 1.58 -5.31 4.76
N ARG A 4 0.50 -4.55 4.78
CA ARG A 4 -0.83 -5.11 4.60
C ARG A 4 -1.82 -4.00 4.26
N ARG A 5 -1.70 -2.89 4.96
CA ARG A 5 -2.59 -1.76 4.78
C ARG A 5 -1.94 -0.50 5.33
N GLN A 6 -1.83 0.53 4.50
CA GLN A 6 -1.24 1.80 4.90
C GLN A 6 -1.76 2.92 4.00
N THR A 7 -1.71 4.14 4.49
CA THR A 7 -2.19 5.29 3.74
C THR A 7 -1.10 5.81 2.80
N SER A 8 -0.98 5.15 1.67
CA SER A 8 -0.01 5.54 0.65
C SER A 8 -0.50 5.06 -0.72
N MET A 9 -0.46 5.95 -1.70
CA MET A 9 -0.96 5.64 -3.04
C MET A 9 0.11 4.95 -3.89
N THR A 10 0.71 3.92 -3.33
CA THR A 10 1.67 3.11 -4.06
C THR A 10 0.95 2.03 -4.86
N ASP A 11 -0.33 1.87 -4.58
CA ASP A 11 -1.17 0.90 -5.26
C ASP A 11 -1.72 1.48 -6.56
N PHE A 12 -1.41 0.83 -7.67
CA PHE A 12 -1.87 1.27 -8.97
C PHE A 12 -1.93 0.11 -9.94
N TYR A 13 -0.86 -0.68 -9.97
CA TYR A 13 -0.76 -1.81 -10.89
C TYR A 13 0.17 -2.86 -10.33
N HIS A 14 -0.39 -4.02 -10.00
CA HIS A 14 0.38 -5.12 -9.44
C HIS A 14 0.93 -6.00 -10.55
N GLY A 1 2.08 -8.85 10.83
CA GLY A 1 1.91 -8.46 12.26
C GLY A 1 1.34 -7.07 12.38
N ARG A 2 2.04 -6.20 13.12
CA ARG A 2 1.61 -4.82 13.28
C ARG A 2 2.16 -3.97 12.15
N LYS A 3 1.64 -2.75 12.03
CA LYS A 3 1.99 -1.84 10.94
C LYS A 3 1.63 -2.45 9.61
N ARG A 4 0.60 -3.29 9.64
CA ARG A 4 0.12 -4.00 8.46
C ARG A 4 -0.68 -3.06 7.57
N ARG A 5 0.03 -2.18 6.87
CA ARG A 5 -0.58 -1.23 5.98
C ARG A 5 0.49 -0.66 5.06
N GLN A 6 0.62 -1.24 3.87
CA GLN A 6 1.63 -0.80 2.92
C GLN A 6 1.16 0.46 2.21
N THR A 7 2.11 1.27 1.79
CA THR A 7 1.79 2.47 1.04
C THR A 7 1.66 2.14 -0.43
N SER A 8 0.42 2.10 -0.91
CA SER A 8 0.14 1.73 -2.29
C SER A 8 -1.15 2.39 -2.76
N MET A 9 -1.23 3.70 -2.57
CA MET A 9 -2.40 4.45 -2.97
C MET A 9 -2.50 4.52 -4.48
N THR A 10 -3.26 3.57 -5.05
CA THR A 10 -3.44 3.50 -6.50
C THR A 10 -2.10 3.18 -7.17
N ASP A 11 -1.40 2.21 -6.59
CA ASP A 11 -0.03 1.89 -7.00
C ASP A 11 -0.02 1.09 -8.30
N PHE A 12 -1.15 0.45 -8.60
CA PHE A 12 -1.26 -0.35 -9.80
C PHE A 12 -1.50 0.54 -11.01
N TYR A 13 -2.39 1.51 -10.86
CA TYR A 13 -2.76 2.39 -11.96
C TYR A 13 -1.79 3.56 -12.11
N HIS A 14 -1.22 4.01 -10.99
CA HIS A 14 -0.30 5.14 -11.01
C HIS A 14 0.78 4.96 -9.96
N GLY A 1 -0.20 -4.92 14.25
CA GLY A 1 1.00 -4.17 14.72
C GLY A 1 1.52 -3.23 13.66
N ARG A 2 2.82 -3.30 13.40
CA ARG A 2 3.47 -2.44 12.42
C ARG A 2 3.06 -2.83 11.00
N LYS A 3 3.38 -4.06 10.63
CA LYS A 3 3.06 -4.55 9.29
C LYS A 3 1.60 -4.93 9.19
N ARG A 4 0.82 -4.08 8.54
CA ARG A 4 -0.59 -4.32 8.35
C ARG A 4 -1.11 -3.41 7.23
N ARG A 5 -1.06 -2.12 7.47
CA ARG A 5 -1.43 -1.15 6.46
C ARG A 5 -0.24 -0.87 5.55
N GLN A 6 -0.33 -1.29 4.31
CA GLN A 6 0.77 -1.08 3.37
C GLN A 6 0.75 0.32 2.79
N THR A 7 1.93 0.86 2.53
CA THR A 7 2.04 2.19 1.95
C THR A 7 1.96 2.14 0.43
N SER A 8 0.75 2.27 -0.06
CA SER A 8 0.49 2.28 -1.49
C SER A 8 -0.84 2.93 -1.78
N MET A 9 -0.80 4.12 -2.38
CA MET A 9 -2.02 4.85 -2.72
C MET A 9 -2.45 4.50 -4.14
N THR A 10 -2.66 3.20 -4.37
CA THR A 10 -3.05 2.70 -5.68
C THR A 10 -2.00 3.03 -6.74
N ASP A 11 -0.85 2.39 -6.63
CA ASP A 11 0.23 2.58 -7.60
C ASP A 11 0.02 1.69 -8.80
N PHE A 12 -1.04 0.90 -8.75
CA PHE A 12 -1.41 0.05 -9.86
C PHE A 12 -2.08 0.88 -10.94
N TYR A 13 -1.82 0.54 -12.20
CA TYR A 13 -2.31 1.28 -13.36
C TYR A 13 -1.56 2.60 -13.50
N HIS A 14 -0.79 2.71 -14.57
CA HIS A 14 -0.01 3.91 -14.84
C HIS A 14 0.19 4.03 -16.35
#